data_4QZC
#
_entry.id   4QZC
#
_cell.length_a   56.397
_cell.length_b   75.178
_cell.length_c   125.943
_cell.angle_alpha   90.00
_cell.angle_beta   99.05
_cell.angle_gamma   90.00
#
_symmetry.space_group_name_H-M   'C 1 2 1'
#
loop_
_entity.id
_entity.type
_entity.pdbx_description
1 polymer 'DNA nucleotidylexotransferase'
2 polymer "5'-D(*AP*AP*AP*AP*AP*C)-3'"
3 polymer "5'-D(*TP*TP*TP*TP*TP*GP*G)-3'"
4 non-polymer 'MAGNESIUM ION'
5 non-polymer 'SODIUM ION'
6 non-polymer "2',3'-DIDEOXYCYTIDINE 5'-TRIPHOSPHATE"
7 water water
#
loop_
_entity_poly.entity_id
_entity_poly.type
_entity_poly.pdbx_seq_one_letter_code
_entity_poly.pdbx_strand_id
1 'polypeptide(L)'
;MGSSHHHHHHSSGLVPRGSHMSPSPVPGSQNVPAPAVKKISQYACQRRTTLNNYNQLFTDALDILAENDELRENEGSCLA
FMRASSVLKSLPFPITSMKDTEGIPCLGDKVKSIIEGIIEDGESSEAKAVLNDERYKSFKLFTSVFGVGLKTAEKWFRMG
FRTLSKIQSDKSLRFTQMQKAGFLYYEDLVSCVNRPEAEAVSMLVKEAVVTFLPDALVTMTGGFRRGKMTGHDVDFLITS
PEATEDEEQQLLHKVTDFWKQQGLLLYCDILESTFEKFKQPSRKVDALDHFQKCALILKLDHGRVHSEKSGQQEGKGWKA
IRVDLVMCPYDRRAFALLGWTGSRQFERDLRRYATHERKMMLDNHALYDRTKRVFLEAESEEEIFAHLGLDYIEPWERNA
;
A
2 'polydeoxyribonucleotide' (DA)(DA)(DA)(DA)(DA)(DC) D,U
3 'polydeoxyribonucleotide' (DT)(DT)(DT)(DT)(DT)(DG)(DG) T
#
# COMPACT_ATOMS: atom_id res chain seq x y z
N ALA A 36 -1.91 -17.63 32.09
CA ALA A 36 -1.04 -16.46 32.09
C ALA A 36 -1.14 -15.64 30.76
N VAL A 37 -0.12 -15.68 29.85
CA VAL A 37 -0.14 -14.93 28.57
C VAL A 37 0.47 -15.73 27.39
N LYS A 38 0.23 -15.22 26.15
CA LYS A 38 0.77 -15.75 24.90
C LYS A 38 1.91 -14.82 24.43
N LYS A 39 2.87 -15.37 23.69
CA LYS A 39 4.01 -14.59 23.21
C LYS A 39 3.69 -13.91 21.87
N ILE A 40 3.80 -12.59 21.80
CA ILE A 40 3.61 -11.80 20.59
C ILE A 40 4.72 -12.18 19.61
N SER A 41 4.31 -12.55 18.39
CA SER A 41 5.25 -12.92 17.34
C SER A 41 5.88 -11.69 16.71
N GLN A 42 7.12 -11.84 16.21
CA GLN A 42 7.84 -10.80 15.47
C GLN A 42 7.25 -10.60 14.04
N TYR A 43 6.39 -11.54 13.62
CA TYR A 43 5.78 -11.54 12.30
C TYR A 43 4.39 -10.92 12.36
N ALA A 44 4.13 -9.95 11.48
CA ALA A 44 2.81 -9.31 11.38
C ALA A 44 1.70 -10.31 11.01
N CYS A 45 2.04 -11.34 10.22
CA CYS A 45 1.12 -12.38 9.79
C CYS A 45 0.69 -13.29 10.96
N GLN A 46 1.32 -13.15 12.16
CA GLN A 46 1.01 -13.94 13.36
C GLN A 46 0.44 -13.04 14.44
N ARG A 47 0.02 -11.81 14.07
CA ARG A 47 -0.60 -10.85 14.95
C ARG A 47 -1.89 -10.34 14.32
N ARG A 48 -2.84 -9.90 15.14
CA ARG A 48 -4.08 -9.31 14.67
C ARG A 48 -3.96 -7.79 14.90
N THR A 49 -3.97 -7.00 13.81
CA THR A 49 -3.77 -5.56 13.89
C THR A 49 -5.02 -4.88 13.30
N THR A 50 -5.83 -4.28 14.18
CA THR A 50 -7.06 -3.56 13.84
C THR A 50 -6.75 -2.05 13.82
N LEU A 51 -7.66 -1.22 13.31
CA LEU A 51 -7.37 0.21 13.15
C LEU A 51 -7.44 1.01 14.48
N ASN A 52 -7.84 0.38 15.57
CA ASN A 52 -7.86 1.06 16.85
C ASN A 52 -6.47 0.97 17.47
N ASN A 53 -5.68 2.00 17.18
CA ASN A 53 -4.31 2.12 17.67
C ASN A 53 -4.26 2.92 18.98
N TYR A 54 -3.87 2.24 20.09
CA TYR A 54 -3.73 2.82 21.41
C TYR A 54 -2.33 3.41 21.64
N ASN A 55 -1.43 3.29 20.67
CA ASN A 55 -0.06 3.76 20.83
C ASN A 55 0.41 4.75 19.75
N GLN A 56 -0.53 5.57 19.19
CA GLN A 56 -0.21 6.52 18.13
C GLN A 56 0.94 7.48 18.50
N LEU A 57 1.10 7.85 19.78
CA LEU A 57 2.17 8.73 20.25
C LEU A 57 3.53 8.11 19.94
N PHE A 58 3.65 6.80 20.13
CA PHE A 58 4.88 6.07 19.86
C PHE A 58 5.05 5.77 18.35
N THR A 59 4.01 5.25 17.68
CA THR A 59 4.07 4.84 16.28
C THR A 59 4.21 6.05 15.34
N ASP A 60 3.65 7.23 15.68
CA ASP A 60 3.86 8.41 14.83
C ASP A 60 5.36 8.82 14.82
N ALA A 61 6.03 8.69 15.97
CA ALA A 61 7.45 8.99 16.12
C ALA A 61 8.30 7.98 15.37
N LEU A 62 7.98 6.69 15.53
CA LEU A 62 8.70 5.59 14.89
C LEU A 62 8.53 5.63 13.37
N ASP A 63 7.32 6.02 12.88
CA ASP A 63 7.05 6.18 11.43
C ASP A 63 7.93 7.29 10.85
N ILE A 64 8.15 8.40 11.59
CA ILE A 64 8.97 9.53 11.15
C ILE A 64 10.44 9.10 11.07
N LEU A 65 10.94 8.42 12.11
CA LEU A 65 12.33 7.96 12.16
C LEU A 65 12.64 6.94 11.06
N ALA A 66 11.65 6.06 10.77
CA ALA A 66 11.74 5.08 9.69
C ALA A 66 11.83 5.78 8.36
N GLU A 67 10.98 6.77 8.14
CA GLU A 67 10.88 7.54 6.90
C GLU A 67 12.19 8.26 6.63
N ASN A 68 12.83 8.79 7.67
CA ASN A 68 14.14 9.45 7.54
C ASN A 68 15.22 8.46 7.09
N ASP A 69 15.22 7.25 7.68
CA ASP A 69 16.19 6.23 7.30
C ASP A 69 15.95 5.74 5.87
N GLU A 70 14.68 5.80 5.37
CA GLU A 70 14.30 5.39 4.01
C GLU A 70 14.88 6.36 3.03
N LEU A 71 14.78 7.64 3.36
CA LEU A 71 15.32 8.77 2.62
C LEU A 71 16.86 8.72 2.59
N ARG A 72 17.51 8.37 3.72
CA ARG A 72 18.98 8.32 3.83
C ARG A 72 19.53 6.98 3.27
N GLU A 73 18.63 6.17 2.67
CA GLU A 73 18.86 4.84 2.05
C GLU A 73 19.45 3.84 3.06
N ASN A 74 19.12 4.02 4.36
CA ASN A 74 19.53 3.12 5.45
C ASN A 74 18.37 2.14 5.64
N GLU A 75 18.32 1.15 4.74
CA GLU A 75 17.27 0.15 4.61
C GLU A 75 17.08 -0.67 5.90
N GLY A 76 18.19 -1.04 6.56
CA GLY A 76 18.21 -1.84 7.78
C GLY A 76 17.56 -1.17 8.95
N SER A 77 18.00 0.08 9.26
CA SER A 77 17.48 0.90 10.36
C SER A 77 16.02 1.29 10.09
N CYS A 78 15.68 1.52 8.80
CA CYS A 78 14.34 1.84 8.37
C CYS A 78 13.38 0.69 8.68
N LEU A 79 13.77 -0.52 8.28
CA LEU A 79 12.97 -1.69 8.51
C LEU A 79 12.79 -1.94 10.02
N ALA A 80 13.83 -1.70 10.85
CA ALA A 80 13.74 -1.92 12.31
C ALA A 80 12.74 -0.96 12.93
N PHE A 81 12.70 0.29 12.47
CA PHE A 81 11.70 1.21 13.01
C PHE A 81 10.27 0.87 12.47
N MET A 82 10.14 0.38 11.26
CA MET A 82 8.87 -0.06 10.72
C MET A 82 8.25 -1.25 11.43
N ARG A 83 9.09 -2.19 11.82
CA ARG A 83 8.69 -3.39 12.55
C ARG A 83 8.29 -3.03 13.98
N ALA A 84 8.98 -2.08 14.63
CA ALA A 84 8.67 -1.62 16.00
C ALA A 84 7.33 -0.88 15.99
N SER A 85 7.11 -0.01 15.00
CA SER A 85 5.85 0.69 14.83
C SER A 85 4.68 -0.30 14.63
N SER A 86 4.89 -1.31 13.74
CA SER A 86 3.94 -2.35 13.42
C SER A 86 3.50 -3.12 14.66
N VAL A 87 4.47 -3.62 15.46
CA VAL A 87 4.15 -4.43 16.65
C VAL A 87 3.33 -3.59 17.68
N LEU A 88 3.63 -2.29 17.86
CA LEU A 88 2.91 -1.45 18.82
C LEU A 88 1.47 -1.22 18.37
N LYS A 89 1.25 -1.11 17.06
CA LYS A 89 -0.09 -0.97 16.47
C LYS A 89 -0.99 -2.18 16.82
N SER A 90 -0.39 -3.39 17.07
CA SER A 90 -1.13 -4.63 17.38
C SER A 90 -1.56 -4.73 18.86
N LEU A 91 -0.99 -3.86 19.76
CA LEU A 91 -1.30 -3.92 21.19
C LEU A 91 -2.74 -3.54 21.50
N PRO A 92 -3.37 -4.23 22.50
CA PRO A 92 -4.76 -3.89 22.89
C PRO A 92 -4.84 -2.79 23.96
N PHE A 93 -3.71 -2.18 24.30
CA PHE A 93 -3.65 -1.20 25.39
C PHE A 93 -2.53 -0.20 25.12
N PRO A 94 -2.57 1.04 25.71
CA PRO A 94 -1.46 1.98 25.51
C PRO A 94 -0.27 1.72 26.45
N ILE A 95 0.97 1.88 25.94
CA ILE A 95 2.18 1.77 26.75
C ILE A 95 2.17 3.02 27.67
N THR A 96 2.28 2.83 29.01
CA THR A 96 2.30 3.97 29.93
C THR A 96 3.54 3.91 30.83
N SER A 97 4.36 2.84 30.71
CA SER A 97 5.62 2.67 31.45
C SER A 97 6.53 1.71 30.69
N MET A 98 7.84 1.72 31.00
CA MET A 98 8.79 0.84 30.32
C MET A 98 8.51 -0.64 30.58
N LYS A 99 7.96 -0.99 31.77
CA LYS A 99 7.58 -2.36 32.13
C LYS A 99 6.59 -2.95 31.12
N ASP A 100 5.82 -2.07 30.54
CA ASP A 100 4.82 -2.42 29.55
C ASP A 100 5.41 -3.02 28.30
N THR A 101 6.65 -2.69 28.01
CA THR A 101 7.31 -3.14 26.77
C THR A 101 7.95 -4.53 26.90
N GLU A 102 7.98 -5.11 28.13
CA GLU A 102 8.58 -6.41 28.37
C GLU A 102 7.90 -7.49 27.57
N GLY A 103 8.72 -8.29 26.88
CA GLY A 103 8.25 -9.41 26.09
C GLY A 103 7.75 -9.05 24.70
N ILE A 104 7.71 -7.74 24.37
CA ILE A 104 7.30 -7.30 23.04
C ILE A 104 8.51 -7.41 22.12
N PRO A 105 8.42 -8.17 21.00
CA PRO A 105 9.56 -8.28 20.08
C PRO A 105 9.74 -7.03 19.24
N CYS A 106 10.81 -6.93 18.48
CA CYS A 106 10.98 -5.81 17.55
C CYS A 106 11.27 -4.49 18.26
N LEU A 107 11.62 -4.57 19.54
CA LEU A 107 11.97 -3.41 20.34
C LEU A 107 13.35 -3.62 20.94
N GLY A 108 14.36 -3.18 20.23
CA GLY A 108 15.72 -3.27 20.74
C GLY A 108 16.04 -2.05 21.59
N ASP A 109 17.32 -1.90 21.96
CA ASP A 109 17.77 -0.80 22.82
C ASP A 109 17.45 0.57 22.25
N LYS A 110 17.74 0.81 20.96
CA LYS A 110 17.48 2.10 20.33
C LYS A 110 16.01 2.46 20.39
N VAL A 111 15.12 1.52 20.05
CA VAL A 111 13.67 1.76 20.05
C VAL A 111 13.16 2.00 21.49
N LYS A 112 13.66 1.24 22.48
CA LYS A 112 13.26 1.41 23.87
C LYS A 112 13.67 2.79 24.40
N SER A 113 14.80 3.37 23.91
CA SER A 113 15.24 4.72 24.26
C SER A 113 14.25 5.74 23.74
N ILE A 114 13.71 5.51 22.53
CA ILE A 114 12.72 6.40 21.92
C ILE A 114 11.41 6.36 22.74
N ILE A 115 10.94 5.15 23.10
CA ILE A 115 9.73 4.95 23.89
C ILE A 115 9.88 5.63 25.26
N GLU A 116 11.05 5.47 25.90
CA GLU A 116 11.37 6.06 27.22
C GLU A 116 11.22 7.57 27.17
N GLY A 117 11.75 8.19 26.12
CA GLY A 117 11.70 9.63 25.91
C GLY A 117 10.29 10.15 25.74
N ILE A 118 9.41 9.38 25.05
CA ILE A 118 8.01 9.76 24.82
C ILE A 118 7.23 9.64 26.15
N ILE A 119 7.51 8.59 26.96
CA ILE A 119 6.88 8.42 28.28
C ILE A 119 7.26 9.61 29.18
N GLU A 120 8.52 10.08 29.08
CA GLU A 120 9.07 11.18 29.87
C GLU A 120 8.30 12.50 29.76
N ASP A 121 8.17 13.02 28.53
CA ASP A 121 7.46 14.28 28.27
C ASP A 121 6.29 14.34 27.27
N GLY A 122 5.88 13.20 26.73
CA GLY A 122 4.89 13.12 25.65
C GLY A 122 5.39 13.41 24.25
N GLU A 123 6.70 13.62 24.09
CA GLU A 123 7.34 13.94 22.81
C GLU A 123 8.57 13.11 22.54
N SER A 124 8.92 12.99 21.26
CA SER A 124 10.15 12.35 20.84
C SER A 124 11.10 13.45 20.35
N SER A 125 12.24 13.63 21.05
CA SER A 125 13.26 14.61 20.64
C SER A 125 13.87 14.21 19.29
N GLU A 126 14.03 12.89 19.06
CA GLU A 126 14.58 12.29 17.84
C GLU A 126 13.70 12.58 16.64
N ALA A 127 12.36 12.35 16.79
CA ALA A 127 11.40 12.61 15.72
C ALA A 127 11.23 14.13 15.49
N LYS A 128 11.35 14.95 16.56
CA LYS A 128 11.28 16.43 16.47
C LYS A 128 12.44 16.99 15.61
N ALA A 129 13.64 16.40 15.79
CA ALA A 129 14.83 16.79 15.02
C ALA A 129 14.68 16.40 13.53
N VAL A 130 14.01 15.27 13.25
CA VAL A 130 13.78 14.85 11.88
C VAL A 130 12.77 15.81 11.20
N LEU A 131 11.71 16.19 11.93
CA LEU A 131 10.67 17.10 11.43
C LEU A 131 11.22 18.51 11.10
N ASN A 132 12.34 18.89 11.72
CA ASN A 132 13.01 20.17 11.51
C ASN A 132 14.17 20.07 10.49
N ASP A 133 14.54 18.84 10.08
CA ASP A 133 15.63 18.60 9.13
C ASP A 133 15.20 19.05 7.71
N GLU A 134 16.06 19.82 7.03
CA GLU A 134 15.72 20.35 5.71
C GLU A 134 15.61 19.26 4.63
N ARG A 135 16.47 18.24 4.68
CA ARG A 135 16.42 17.13 3.73
C ARG A 135 15.12 16.35 3.92
N TYR A 136 14.75 16.09 5.18
CA TYR A 136 13.52 15.38 5.47
C TYR A 136 12.28 16.15 4.99
N LYS A 137 12.19 17.45 5.31
CA LYS A 137 11.06 18.31 4.94
C LYS A 137 10.87 18.32 3.41
N SER A 138 12.00 18.45 2.67
CA SER A 138 12.03 18.47 1.20
C SER A 138 11.59 17.16 0.62
N PHE A 139 12.05 16.04 1.20
CA PHE A 139 11.67 14.71 0.72
C PHE A 139 10.18 14.49 0.88
N LYS A 140 9.61 14.86 2.04
CA LYS A 140 8.17 14.69 2.28
C LYS A 140 7.36 15.50 1.28
N LEU A 141 7.74 16.77 1.09
CA LEU A 141 7.05 17.70 0.22
C LEU A 141 7.12 17.25 -1.24
N PHE A 142 8.33 16.89 -1.72
CA PHE A 142 8.51 16.53 -3.13
C PHE A 142 7.85 15.22 -3.47
N THR A 143 8.01 14.17 -2.62
CA THR A 143 7.38 12.86 -2.88
C THR A 143 5.84 12.87 -2.71
N SER A 144 5.27 13.97 -2.14
CA SER A 144 3.82 14.13 -2.02
C SER A 144 3.17 14.27 -3.43
N VAL A 145 4.00 14.54 -4.46
CA VAL A 145 3.57 14.65 -5.86
C VAL A 145 3.54 13.23 -6.49
N PHE A 146 2.49 12.90 -7.19
CA PHE A 146 2.40 11.64 -7.87
C PHE A 146 3.49 11.72 -8.91
N GLY A 147 4.23 10.64 -9.06
CA GLY A 147 5.30 10.55 -10.05
C GLY A 147 6.67 10.89 -9.52
N VAL A 148 6.76 11.39 -8.26
CA VAL A 148 8.05 11.75 -7.65
C VAL A 148 8.38 10.79 -6.52
N GLY A 149 9.47 10.07 -6.64
CA GLY A 149 9.96 9.16 -5.61
C GLY A 149 11.27 9.65 -5.03
N LEU A 150 11.99 8.78 -4.30
CA LEU A 150 13.23 9.10 -3.61
C LEU A 150 14.30 9.71 -4.50
N LYS A 151 14.58 9.14 -5.69
CA LYS A 151 15.66 9.62 -6.59
C LYS A 151 15.41 11.04 -7.13
N THR A 152 14.18 11.32 -7.61
CA THR A 152 13.84 12.65 -8.15
C THR A 152 13.82 13.70 -7.01
N ALA A 153 13.27 13.35 -5.82
CA ALA A 153 13.23 14.24 -4.66
C ALA A 153 14.64 14.60 -4.20
N GLU A 154 15.58 13.63 -4.23
CA GLU A 154 16.96 13.83 -3.87
C GLU A 154 17.65 14.72 -4.90
N LYS A 155 17.35 14.52 -6.20
CA LYS A 155 17.92 15.31 -7.31
C LYS A 155 17.53 16.77 -7.16
N TRP A 156 16.24 17.03 -6.89
CA TRP A 156 15.73 18.39 -6.76
C TRP A 156 16.32 19.10 -5.54
N PHE A 157 16.49 18.38 -4.43
CA PHE A 157 17.09 18.91 -3.21
C PHE A 157 18.54 19.32 -3.46
N ARG A 158 19.33 18.44 -4.11
CA ARG A 158 20.74 18.71 -4.41
C ARG A 158 20.92 19.86 -5.41
N MET A 159 19.86 20.17 -6.18
CA MET A 159 19.85 21.29 -7.13
C MET A 159 19.53 22.61 -6.39
N GLY A 160 19.09 22.51 -5.13
CA GLY A 160 18.75 23.65 -4.31
C GLY A 160 17.28 24.02 -4.25
N PHE A 161 16.38 23.18 -4.82
CA PHE A 161 14.94 23.43 -4.74
C PHE A 161 14.30 23.07 -3.40
N ARG A 162 13.54 23.99 -2.83
CA ARG A 162 12.87 23.75 -1.55
C ARG A 162 11.34 23.84 -1.60
N THR A 163 10.76 24.41 -2.67
CA THR A 163 9.31 24.57 -2.78
C THR A 163 8.78 24.02 -4.08
N LEU A 164 7.51 23.59 -4.11
CA LEU A 164 6.89 23.04 -5.30
C LEU A 164 6.65 24.13 -6.33
N SER A 165 6.40 25.38 -5.88
CA SER A 165 6.22 26.54 -6.76
C SER A 165 7.49 26.80 -7.61
N LYS A 166 8.69 26.72 -6.98
CA LYS A 166 9.96 26.94 -7.67
C LYS A 166 10.26 25.79 -8.63
N ILE A 167 9.83 24.56 -8.31
CA ILE A 167 10.03 23.39 -9.18
C ILE A 167 9.17 23.54 -10.44
N GLN A 168 7.86 23.77 -10.27
CA GLN A 168 6.87 23.88 -11.35
C GLN A 168 7.14 25.02 -12.33
N SER A 169 7.66 26.15 -11.84
CA SER A 169 7.92 27.32 -12.68
C SER A 169 9.32 27.32 -13.31
N ASP A 170 10.19 26.34 -12.96
CA ASP A 170 11.54 26.24 -13.54
C ASP A 170 11.47 25.92 -15.04
N LYS A 171 12.26 26.64 -15.85
CA LYS A 171 12.26 26.50 -17.31
C LYS A 171 13.27 25.45 -17.85
N SER A 172 14.18 24.96 -16.99
CA SER A 172 15.19 23.98 -17.39
C SER A 172 14.77 22.54 -17.07
N LEU A 173 14.00 22.34 -15.97
CA LEU A 173 13.55 21.03 -15.54
C LEU A 173 12.66 20.33 -16.56
N ARG A 174 12.79 18.99 -16.67
CA ARG A 174 11.95 18.16 -17.55
C ARG A 174 11.18 17.19 -16.67
N PHE A 175 9.86 17.16 -16.84
CA PHE A 175 8.99 16.32 -16.03
C PHE A 175 8.42 15.15 -16.83
N THR A 176 8.32 13.98 -16.18
CA THR A 176 7.73 12.77 -16.76
C THR A 176 6.22 13.01 -16.89
N GLN A 177 5.54 12.21 -17.73
CA GLN A 177 4.09 12.36 -17.91
C GLN A 177 3.35 12.15 -16.57
N MET A 178 3.88 11.24 -15.71
CA MET A 178 3.35 10.92 -14.39
C MET A 178 3.42 12.15 -13.47
N GLN A 179 4.56 12.88 -13.48
CA GLN A 179 4.78 14.07 -12.68
C GLN A 179 3.91 15.24 -13.13
N LYS A 180 3.72 15.39 -14.45
CA LYS A 180 2.86 16.43 -15.02
C LYS A 180 1.43 16.25 -14.47
N ALA A 181 0.92 14.99 -14.47
CA ALA A 181 -0.39 14.65 -13.91
C ALA A 181 -0.39 14.89 -12.39
N GLY A 182 0.71 14.53 -11.72
CA GLY A 182 0.88 14.75 -10.30
C GLY A 182 0.77 16.21 -9.90
N PHE A 183 1.32 17.13 -10.74
CA PHE A 183 1.26 18.58 -10.47
C PHE A 183 -0.09 19.18 -10.85
N LEU A 184 -0.66 18.74 -12.00
CA LEU A 184 -1.94 19.23 -12.50
C LEU A 184 -3.10 18.90 -11.54
N TYR A 185 -3.12 17.70 -10.94
CA TYR A 185 -4.19 17.27 -10.05
C TYR A 185 -3.72 17.17 -8.59
N TYR A 186 -2.66 17.92 -8.22
CA TYR A 186 -2.03 17.87 -6.90
C TYR A 186 -2.98 18.03 -5.73
N GLU A 187 -3.79 19.10 -5.67
CA GLU A 187 -4.69 19.32 -4.51
C GLU A 187 -5.69 18.15 -4.31
N ASP A 188 -6.23 17.59 -5.40
CA ASP A 188 -7.17 16.47 -5.35
C ASP A 188 -6.47 15.22 -4.89
N LEU A 189 -5.29 14.93 -5.45
CA LEU A 189 -4.52 13.72 -5.09
C LEU A 189 -3.90 13.79 -3.67
N VAL A 190 -3.54 14.98 -3.24
CA VAL A 190 -3.04 15.21 -1.90
C VAL A 190 -4.11 14.98 -0.85
N SER A 191 -5.33 15.38 -1.17
CA SER A 191 -6.50 15.09 -0.35
C SER A 191 -6.73 13.64 -0.56
N CYS A 192 -7.24 12.97 0.43
CA CYS A 192 -7.32 11.54 0.30
C CYS A 192 -8.74 11.08 0.11
N VAL A 193 -8.87 10.00 -0.64
CA VAL A 193 -10.14 9.38 -0.97
C VAL A 193 -10.85 8.89 0.26
N ASN A 194 -12.16 9.10 0.34
CA ASN A 194 -12.97 8.60 1.46
C ASN A 194 -13.82 7.39 0.99
N ARG A 195 -14.60 6.78 1.91
CA ARG A 195 -15.38 5.58 1.58
C ARG A 195 -16.48 5.87 0.53
N PRO A 196 -17.29 6.96 0.62
CA PRO A 196 -18.30 7.21 -0.44
C PRO A 196 -17.64 7.33 -1.81
N GLU A 197 -16.43 7.97 -1.90
CA GLU A 197 -15.68 8.10 -3.16
C GLU A 197 -15.24 6.74 -3.64
N ALA A 198 -14.70 5.89 -2.73
CA ALA A 198 -14.24 4.54 -3.07
C ALA A 198 -15.38 3.69 -3.60
N GLU A 199 -16.55 3.79 -2.99
CA GLU A 199 -17.76 3.05 -3.42
C GLU A 199 -18.24 3.51 -4.79
N ALA A 200 -18.18 4.83 -5.06
CA ALA A 200 -18.55 5.45 -6.33
C ALA A 200 -17.64 4.94 -7.44
N VAL A 201 -16.33 4.82 -7.13
CA VAL A 201 -15.32 4.30 -8.06
C VAL A 201 -15.61 2.81 -8.33
N SER A 202 -15.93 2.03 -7.27
CA SER A 202 -16.23 0.60 -7.40
C SER A 202 -17.35 0.36 -8.39
N MET A 203 -18.42 1.19 -8.32
CA MET A 203 -19.57 1.13 -9.21
C MET A 203 -19.15 1.35 -10.65
N LEU A 204 -18.32 2.38 -10.89
CA LEU A 204 -17.79 2.70 -12.21
C LEU A 204 -16.94 1.55 -12.78
N VAL A 205 -16.06 0.97 -11.95
CA VAL A 205 -15.19 -0.14 -12.34
C VAL A 205 -16.06 -1.35 -12.73
N LYS A 206 -16.99 -1.74 -11.85
CA LYS A 206 -17.88 -2.88 -12.07
C LYS A 206 -18.72 -2.71 -13.34
N GLU A 207 -19.31 -1.52 -13.54
CA GLU A 207 -20.14 -1.31 -14.72
C GLU A 207 -19.33 -1.32 -16.03
N ALA A 208 -18.08 -0.82 -16.02
CA ALA A 208 -17.17 -0.87 -17.17
C ALA A 208 -16.70 -2.32 -17.44
N VAL A 209 -16.27 -3.06 -16.39
CA VAL A 209 -15.80 -4.44 -16.48
C VAL A 209 -16.88 -5.41 -17.02
N VAL A 210 -18.12 -5.44 -16.47
CA VAL A 210 -19.17 -6.37 -16.90
C VAL A 210 -19.63 -6.11 -18.37
N THR A 211 -19.36 -4.89 -18.91
CA THR A 211 -19.65 -4.51 -20.29
C THR A 211 -18.84 -5.41 -21.26
N PHE A 212 -17.60 -5.80 -20.86
CA PHE A 212 -16.72 -6.62 -21.69
C PHE A 212 -16.61 -8.08 -21.18
N LEU A 213 -16.69 -8.29 -19.86
CA LEU A 213 -16.65 -9.62 -19.24
C LEU A 213 -17.82 -9.74 -18.22
N PRO A 214 -19.02 -10.20 -18.64
CA PRO A 214 -20.16 -10.22 -17.71
C PRO A 214 -20.03 -11.14 -16.49
N ASP A 215 -19.19 -12.19 -16.55
CA ASP A 215 -19.02 -13.12 -15.43
C ASP A 215 -17.87 -12.72 -14.49
N ALA A 216 -17.21 -11.58 -14.79
CA ALA A 216 -16.07 -11.11 -14.03
C ALA A 216 -16.41 -10.77 -12.58
N LEU A 217 -15.46 -11.09 -11.70
CA LEU A 217 -15.51 -10.81 -10.29
C LEU A 217 -14.59 -9.63 -10.04
N VAL A 218 -15.14 -8.53 -9.50
CA VAL A 218 -14.40 -7.32 -9.19
C VAL A 218 -14.40 -7.16 -7.68
N THR A 219 -13.20 -7.12 -7.07
CA THR A 219 -13.06 -7.00 -5.62
C THR A 219 -12.22 -5.79 -5.29
N MET A 220 -12.73 -4.94 -4.42
CA MET A 220 -11.95 -3.86 -3.91
C MET A 220 -10.94 -4.45 -2.97
N THR A 221 -9.71 -4.01 -3.07
CA THR A 221 -8.64 -4.48 -2.23
C THR A 221 -7.96 -3.25 -1.68
N GLY A 222 -6.91 -3.42 -0.92
CA GLY A 222 -6.15 -2.28 -0.46
C GLY A 222 -6.81 -1.87 0.81
N GLY A 223 -6.40 -0.74 1.34
CA GLY A 223 -6.85 -0.30 2.63
C GLY A 223 -8.32 -0.41 2.89
N PHE A 224 -9.10 -0.05 1.90
CA PHE A 224 -10.57 -0.09 2.02
C PHE A 224 -11.09 -1.50 2.34
N ARG A 225 -10.46 -2.57 1.81
CA ARG A 225 -10.82 -3.96 2.14
C ARG A 225 -10.41 -4.25 3.60
N ARG A 226 -9.36 -3.55 4.11
CA ARG A 226 -8.91 -3.74 5.49
C ARG A 226 -9.74 -2.88 6.51
N GLY A 227 -10.76 -2.18 6.01
CA GLY A 227 -11.66 -1.36 6.81
C GLY A 227 -11.30 0.10 6.99
N LYS A 228 -10.35 0.60 6.20
CA LYS A 228 -9.90 1.98 6.33
C LYS A 228 -10.95 2.96 5.88
N MET A 229 -10.98 4.12 6.54
CA MET A 229 -11.89 5.17 6.20
C MET A 229 -11.37 6.01 5.06
N THR A 230 -10.05 6.10 4.92
CA THR A 230 -9.42 6.86 3.83
C THR A 230 -8.30 6.06 3.19
N GLY A 231 -7.84 6.57 2.06
CA GLY A 231 -6.77 6.00 1.28
C GLY A 231 -6.24 7.00 0.27
N HIS A 232 -5.03 6.80 -0.20
CA HIS A 232 -4.39 7.66 -1.21
C HIS A 232 -4.90 7.28 -2.60
N ASP A 233 -5.44 6.03 -2.72
CA ASP A 233 -5.96 5.41 -3.94
C ASP A 233 -7.02 4.34 -3.65
N VAL A 234 -7.66 3.80 -4.71
CA VAL A 234 -8.67 2.74 -4.67
C VAL A 234 -8.16 1.64 -5.57
N ASP A 235 -7.98 0.43 -5.02
CA ASP A 235 -7.42 -0.70 -5.75
C ASP A 235 -8.45 -1.79 -5.95
N PHE A 236 -8.36 -2.49 -7.10
CA PHE A 236 -9.30 -3.54 -7.48
C PHE A 236 -8.61 -4.71 -8.10
N LEU A 237 -9.12 -5.90 -7.80
CA LEU A 237 -8.71 -7.14 -8.41
C LEU A 237 -9.86 -7.58 -9.30
N ILE A 238 -9.55 -7.87 -10.58
CA ILE A 238 -10.53 -8.34 -11.56
C ILE A 238 -10.10 -9.74 -12.00
N THR A 239 -11.05 -10.69 -12.04
CA THR A 239 -10.82 -12.06 -12.49
C THR A 239 -12.10 -12.60 -13.15
N SER A 240 -11.97 -13.55 -14.08
CA SER A 240 -13.13 -14.13 -14.77
C SER A 240 -12.98 -15.64 -14.90
N PRO A 241 -13.97 -16.43 -14.43
CA PRO A 241 -13.83 -17.89 -14.51
C PRO A 241 -13.91 -18.47 -15.93
N GLU A 242 -14.53 -17.77 -16.85
CA GLU A 242 -14.63 -18.27 -18.22
C GLU A 242 -13.60 -17.72 -19.18
N ALA A 243 -13.20 -16.48 -18.99
CA ALA A 243 -12.54 -15.74 -20.04
C ALA A 243 -11.27 -16.41 -20.56
N THR A 244 -11.01 -16.24 -21.85
CA THR A 244 -9.87 -16.86 -22.54
C THR A 244 -8.61 -16.08 -22.19
N GLU A 245 -7.44 -16.52 -22.62
CA GLU A 245 -6.26 -15.71 -22.36
C GLU A 245 -6.37 -14.36 -23.03
N ASP A 246 -6.75 -14.38 -24.29
CA ASP A 246 -6.85 -13.14 -25.04
C ASP A 246 -7.86 -12.18 -24.39
N GLU A 247 -9.03 -12.70 -23.94
CA GLU A 247 -10.07 -11.90 -23.28
C GLU A 247 -9.52 -11.26 -22.01
N GLU A 248 -8.74 -12.06 -21.23
CA GLU A 248 -8.05 -11.66 -20.01
C GLU A 248 -7.07 -10.54 -20.27
N GLN A 249 -6.37 -10.61 -21.42
CA GLN A 249 -5.37 -9.62 -21.80
C GLN A 249 -6.01 -8.29 -22.24
N GLN A 250 -7.15 -8.36 -22.94
CA GLN A 250 -7.77 -7.18 -23.52
C GLN A 250 -8.63 -6.36 -22.56
N LEU A 251 -9.10 -6.93 -21.43
CA LEU A 251 -10.02 -6.25 -20.51
C LEU A 251 -9.57 -4.84 -20.08
N LEU A 252 -8.33 -4.70 -19.54
CA LEU A 252 -7.83 -3.40 -19.06
C LEU A 252 -7.77 -2.34 -20.18
N HIS A 253 -7.40 -2.78 -21.40
CA HIS A 253 -7.34 -1.92 -22.58
C HIS A 253 -8.75 -1.46 -22.99
N LYS A 254 -9.74 -2.39 -23.00
CA LYS A 254 -11.13 -2.11 -23.36
C LYS A 254 -11.77 -1.13 -22.35
N VAL A 255 -11.58 -1.39 -21.03
CA VAL A 255 -12.15 -0.59 -19.95
C VAL A 255 -11.57 0.84 -19.95
N THR A 256 -10.25 0.99 -20.17
CA THR A 256 -9.61 2.31 -20.18
C THR A 256 -9.97 3.09 -21.46
N ASP A 257 -10.12 2.44 -22.60
CA ASP A 257 -10.56 3.16 -23.79
C ASP A 257 -11.95 3.72 -23.56
N PHE A 258 -12.81 2.85 -23.08
CA PHE A 258 -14.20 3.22 -22.77
C PHE A 258 -14.24 4.53 -21.94
N TRP A 259 -13.40 4.61 -20.89
CA TRP A 259 -13.30 5.79 -20.02
C TRP A 259 -12.65 6.98 -20.75
N LYS A 260 -11.68 6.70 -21.66
CA LYS A 260 -11.00 7.72 -22.48
C LYS A 260 -12.02 8.38 -23.41
N GLN A 261 -12.95 7.57 -23.98
CA GLN A 261 -14.04 8.01 -24.86
C GLN A 261 -15.00 8.95 -24.14
N GLN A 262 -15.28 8.68 -22.83
CA GLN A 262 -16.18 9.46 -21.99
C GLN A 262 -15.50 10.74 -21.45
N GLY A 263 -14.17 10.77 -21.55
CA GLY A 263 -13.34 11.87 -21.07
C GLY A 263 -13.11 11.79 -19.57
N LEU A 264 -13.03 10.55 -19.04
CA LEU A 264 -12.86 10.29 -17.61
C LEU A 264 -11.43 9.85 -17.26
N LEU A 265 -10.67 9.43 -18.25
CA LEU A 265 -9.29 8.98 -18.08
C LEU A 265 -8.34 10.17 -18.10
N LEU A 266 -7.87 10.58 -16.92
CA LEU A 266 -6.98 11.71 -16.75
C LEU A 266 -5.51 11.27 -16.87
N TYR A 267 -5.20 10.03 -16.51
CA TYR A 267 -3.87 9.43 -16.59
C TYR A 267 -4.02 7.94 -16.71
N CYS A 268 -3.18 7.31 -17.52
CA CYS A 268 -3.24 5.86 -17.71
C CYS A 268 -1.87 5.33 -18.07
N ASP A 269 -1.47 4.27 -17.37
CA ASP A 269 -0.24 3.54 -17.61
C ASP A 269 -0.57 2.07 -17.41
N ILE A 270 -0.60 1.30 -18.53
CA ILE A 270 -0.91 -0.12 -18.48
C ILE A 270 0.39 -0.90 -18.57
N LEU A 271 0.64 -1.73 -17.55
CA LEU A 271 1.77 -2.62 -17.49
C LEU A 271 1.32 -4.01 -17.88
N GLU A 272 1.86 -4.53 -18.98
CA GLU A 272 1.54 -5.90 -19.41
C GLU A 272 2.06 -6.87 -18.36
N SER A 273 1.45 -8.05 -18.25
CA SER A 273 1.88 -9.03 -17.24
C SER A 273 3.33 -9.50 -17.46
N THR A 274 4.07 -9.67 -16.35
CA THR A 274 5.43 -10.21 -16.31
C THR A 274 5.36 -11.53 -15.51
N PHE A 275 4.13 -11.96 -15.16
CA PHE A 275 3.85 -13.25 -14.57
C PHE A 275 4.02 -14.31 -15.66
N GLU A 276 4.63 -15.44 -15.29
CA GLU A 276 4.84 -16.57 -16.18
C GLU A 276 4.13 -17.78 -15.57
N LYS A 277 3.19 -18.37 -16.33
CA LYS A 277 2.36 -19.51 -15.91
C LYS A 277 3.14 -20.66 -15.21
N PHE A 278 4.33 -21.05 -15.72
CA PHE A 278 5.12 -22.16 -15.17
C PHE A 278 6.45 -21.71 -14.56
N ASP A 286 13.28 -12.52 -7.85
CA ASP A 286 12.45 -12.19 -8.99
C ASP A 286 12.17 -10.71 -8.91
N LEU A 288 10.47 -7.04 -10.33
CA LEU A 288 9.45 -6.38 -11.12
C LEU A 288 8.52 -7.41 -11.74
N ASP A 289 8.16 -8.43 -10.97
CA ASP A 289 7.26 -9.48 -11.49
C ASP A 289 5.82 -9.16 -11.08
N HIS A 290 4.90 -9.03 -12.07
CA HIS A 290 3.51 -8.69 -11.74
C HIS A 290 2.42 -9.15 -12.73
N PHE A 291 1.16 -9.11 -12.24
CA PHE A 291 -0.01 -9.34 -13.07
C PHE A 291 -0.24 -8.13 -13.93
N GLN A 292 -1.01 -8.28 -15.03
CA GLN A 292 -1.36 -7.17 -15.89
C GLN A 292 -2.09 -6.14 -15.03
N LYS A 293 -1.59 -4.92 -15.02
CA LYS A 293 -2.16 -3.90 -14.15
C LYS A 293 -2.10 -2.55 -14.77
N CYS A 294 -2.86 -1.60 -14.20
CA CYS A 294 -2.81 -0.24 -14.68
C CYS A 294 -2.92 0.72 -13.53
N ALA A 295 -2.13 1.80 -13.61
CA ALA A 295 -2.13 2.91 -12.66
C ALA A 295 -2.86 4.05 -13.32
N LEU A 296 -4.01 4.44 -12.74
CA LEU A 296 -4.87 5.44 -13.34
C LEU A 296 -5.17 6.62 -12.46
N ILE A 297 -5.63 7.68 -13.10
CA ILE A 297 -6.24 8.86 -12.49
C ILE A 297 -7.58 8.99 -13.20
N LEU A 298 -8.69 8.87 -12.46
CA LEU A 298 -10.02 8.99 -13.03
C LEU A 298 -10.70 10.27 -12.59
N LYS A 299 -11.55 10.81 -13.48
CA LYS A 299 -12.38 11.97 -13.24
C LYS A 299 -13.65 11.47 -12.56
N LEU A 300 -13.80 11.72 -11.25
CA LEU A 300 -14.96 11.27 -10.50
C LEU A 300 -15.93 12.43 -10.32
N ASP A 301 -17.05 12.40 -11.09
CA ASP A 301 -18.11 13.42 -11.02
C ASP A 301 -18.75 13.40 -9.64
N HIS A 302 -18.95 14.58 -9.03
CA HIS A 302 -19.51 14.74 -7.69
C HIS A 302 -20.90 14.07 -7.55
N GLY A 303 -21.71 14.06 -8.62
CA GLY A 303 -23.04 13.46 -8.65
C GLY A 303 -23.08 11.97 -8.39
N ARG A 304 -21.96 11.27 -8.65
CA ARG A 304 -21.80 9.82 -8.47
C ARG A 304 -21.48 9.45 -7.01
N VAL A 305 -21.06 10.44 -6.20
CA VAL A 305 -20.67 10.26 -4.81
C VAL A 305 -21.85 10.54 -3.88
N HIS A 306 -22.28 9.52 -3.09
CA HIS A 306 -23.38 9.66 -2.16
C HIS A 306 -22.86 9.73 -0.73
N GLN A 313 -22.01 22.06 -4.76
CA GLN A 313 -20.75 21.83 -5.45
C GLN A 313 -20.05 23.15 -5.65
N GLU A 314 -19.13 23.47 -4.76
CA GLU A 314 -18.42 24.75 -4.77
C GLU A 314 -17.53 24.97 -6.01
N GLY A 315 -16.86 23.92 -6.43
CA GLY A 315 -15.92 23.98 -7.53
C GLY A 315 -16.40 22.98 -8.54
N LYS A 316 -15.61 22.68 -9.54
CA LYS A 316 -16.07 21.83 -10.62
C LYS A 316 -16.51 20.54 -10.00
N GLY A 317 -17.61 19.97 -10.47
CA GLY A 317 -18.20 18.85 -9.77
C GLY A 317 -17.48 17.59 -10.12
N TRP A 318 -16.22 17.55 -9.72
CA TRP A 318 -15.36 16.44 -10.04
C TRP A 318 -14.12 16.49 -9.16
N LYS A 319 -13.59 15.31 -8.90
CA LYS A 319 -12.37 15.07 -8.14
C LYS A 319 -11.53 14.04 -8.84
N ALA A 320 -10.22 14.32 -8.95
CA ALA A 320 -9.23 13.39 -9.52
C ALA A 320 -8.95 12.32 -8.48
N ILE A 321 -9.06 11.03 -8.89
CA ILE A 321 -8.89 9.87 -8.00
C ILE A 321 -7.89 8.89 -8.58
N ARG A 322 -6.90 8.51 -7.76
CA ARG A 322 -5.93 7.50 -8.13
C ARG A 322 -6.60 6.12 -8.01
N VAL A 323 -6.60 5.34 -9.11
CA VAL A 323 -7.22 4.00 -9.16
C VAL A 323 -6.23 3.01 -9.73
N ASP A 324 -6.08 1.84 -9.10
CA ASP A 324 -5.24 0.78 -9.65
C ASP A 324 -6.08 -0.44 -9.93
N LEU A 325 -5.94 -1.00 -11.13
CA LEU A 325 -6.66 -2.20 -11.53
C LEU A 325 -5.67 -3.30 -11.80
N VAL A 326 -6.02 -4.53 -11.39
CA VAL A 326 -5.20 -5.72 -11.57
C VAL A 326 -6.06 -6.81 -12.13
N MET A 327 -5.59 -7.45 -13.21
CA MET A 327 -6.28 -8.58 -13.86
C MET A 327 -5.46 -9.83 -13.62
N CYS A 328 -6.08 -10.88 -13.08
CA CYS A 328 -5.32 -12.10 -12.87
C CYS A 328 -6.07 -13.33 -13.42
N PRO A 329 -5.34 -14.42 -13.75
CA PRO A 329 -6.01 -15.67 -14.16
C PRO A 329 -6.83 -16.22 -13.01
N TYR A 330 -8.00 -16.78 -13.31
CA TYR A 330 -8.94 -17.28 -12.32
C TYR A 330 -8.32 -18.20 -11.28
N ASP A 331 -7.43 -19.11 -11.67
CA ASP A 331 -6.84 -20.08 -10.73
C ASP A 331 -5.85 -19.45 -9.72
N ARG A 332 -5.36 -18.21 -9.98
CA ARG A 332 -4.41 -17.54 -9.06
C ARG A 332 -5.10 -16.43 -8.24
N ARG A 333 -6.43 -16.33 -8.31
CA ARG A 333 -7.20 -15.27 -7.66
C ARG A 333 -6.99 -15.16 -6.15
N ALA A 334 -6.76 -16.28 -5.44
CA ALA A 334 -6.54 -16.17 -3.98
C ALA A 334 -5.16 -15.59 -3.64
N PHE A 335 -4.12 -15.91 -4.44
CA PHE A 335 -2.79 -15.37 -4.24
C PHE A 335 -2.74 -13.88 -4.52
N ALA A 336 -3.44 -13.46 -5.58
CA ALA A 336 -3.50 -12.05 -5.99
C ALA A 336 -4.26 -11.24 -4.95
N LEU A 337 -5.43 -11.74 -4.47
CA LEU A 337 -6.25 -11.09 -3.46
C LEU A 337 -5.45 -10.90 -2.17
N LEU A 338 -4.76 -11.95 -1.73
CA LEU A 338 -3.92 -11.89 -0.54
C LEU A 338 -2.80 -10.82 -0.71
N GLY A 339 -2.12 -10.81 -1.88
CA GLY A 339 -1.05 -9.86 -2.17
C GLY A 339 -1.52 -8.42 -2.23
N TRP A 340 -2.69 -8.20 -2.82
CA TRP A 340 -3.21 -6.86 -3.00
C TRP A 340 -4.00 -6.32 -1.80
N THR A 341 -4.42 -7.18 -0.85
CA THR A 341 -5.16 -6.69 0.31
C THR A 341 -4.22 -5.92 1.25
N GLY A 342 -2.99 -6.40 1.38
CA GLY A 342 -2.01 -5.77 2.24
C GLY A 342 -2.24 -6.10 3.70
N SER A 343 -1.73 -5.26 4.65
CA SER A 343 -0.92 -4.05 4.46
C SER A 343 0.44 -4.41 3.93
N ARG A 344 1.28 -3.44 3.54
CA ARG A 344 2.65 -3.71 3.05
C ARG A 344 3.44 -4.52 4.09
N GLN A 345 3.30 -4.17 5.41
CA GLN A 345 4.02 -4.86 6.48
C GLN A 345 3.53 -6.29 6.67
N PHE A 346 2.24 -6.50 6.49
CA PHE A 346 1.65 -7.83 6.58
C PHE A 346 2.17 -8.72 5.47
N GLU A 347 2.29 -8.16 4.22
CA GLU A 347 2.81 -8.87 3.02
C GLU A 347 4.27 -9.24 3.16
N ARG A 348 5.12 -8.30 3.61
CA ARG A 348 6.56 -8.50 3.92
C ARG A 348 6.73 -9.69 4.84
N ASP A 349 6.01 -9.67 5.99
CA ASP A 349 6.15 -10.71 6.99
C ASP A 349 5.60 -12.04 6.56
N LEU A 350 4.55 -12.06 5.73
CA LEU A 350 3.98 -13.29 5.16
C LEU A 350 5.07 -14.02 4.37
N ARG A 351 5.76 -13.27 3.50
CA ARG A 351 6.84 -13.78 2.65
C ARG A 351 8.05 -14.19 3.49
N ARG A 352 8.44 -13.40 4.47
CA ARG A 352 9.57 -13.67 5.35
C ARG A 352 9.32 -14.94 6.17
N TYR A 353 8.12 -15.06 6.82
CA TYR A 353 7.67 -16.25 7.55
C TYR A 353 7.70 -17.48 6.61
N ALA A 354 7.12 -17.38 5.40
CA ALA A 354 7.11 -18.50 4.45
C ALA A 354 8.52 -19.02 4.19
N THR A 355 9.45 -18.13 3.86
CA THR A 355 10.85 -18.47 3.66
C THR A 355 11.70 -18.96 4.83
N HIS A 356 11.69 -18.27 5.95
CA HIS A 356 12.48 -18.63 7.11
C HIS A 356 11.87 -19.68 8.00
N GLU A 357 10.54 -19.74 8.14
CA GLU A 357 9.91 -20.70 9.03
C GLU A 357 9.32 -21.94 8.35
N ARG A 358 8.96 -21.86 7.07
CA ARG A 358 8.34 -23.01 6.38
C ARG A 358 9.11 -23.51 5.16
N LYS A 359 10.21 -22.83 4.77
CA LYS A 359 11.00 -23.14 3.58
C LYS A 359 10.07 -23.15 2.35
N MET A 360 9.19 -22.15 2.30
CA MET A 360 8.24 -21.94 1.22
C MET A 360 8.54 -20.59 0.54
N MET A 361 8.08 -20.41 -0.69
CA MET A 361 8.28 -19.17 -1.43
C MET A 361 6.93 -18.63 -1.81
N LEU A 362 6.58 -17.45 -1.30
CA LEU A 362 5.30 -16.85 -1.59
C LEU A 362 5.42 -15.52 -2.38
N ASP A 363 4.49 -15.33 -3.32
CA ASP A 363 4.34 -14.10 -4.11
C ASP A 363 2.87 -13.97 -4.51
N ASN A 364 2.50 -12.89 -5.21
CA ASN A 364 1.12 -12.63 -5.61
C ASN A 364 0.54 -13.65 -6.59
N HIS A 365 1.38 -14.50 -7.18
CA HIS A 365 0.93 -15.46 -8.20
C HIS A 365 0.90 -16.89 -7.69
N ALA A 366 1.76 -17.25 -6.72
CA ALA A 366 1.89 -18.64 -6.28
C ALA A 366 2.56 -18.82 -4.90
N LEU A 367 2.51 -20.06 -4.42
CA LEU A 367 3.13 -20.55 -3.18
C LEU A 367 3.87 -21.85 -3.51
N TYR A 368 5.19 -21.86 -3.34
CA TYR A 368 6.00 -23.02 -3.68
C TYR A 368 6.65 -23.61 -2.44
N ASP A 369 6.58 -24.93 -2.30
CA ASP A 369 7.25 -25.63 -1.22
C ASP A 369 8.53 -26.23 -1.72
N ARG A 370 9.63 -25.72 -1.22
CA ARG A 370 10.98 -26.12 -1.64
C ARG A 370 11.35 -27.55 -1.19
N THR A 371 10.76 -28.05 -0.08
CA THR A 371 11.06 -29.38 0.46
C THR A 371 10.29 -30.43 -0.33
N LYS A 372 8.98 -30.23 -0.53
CA LYS A 372 8.12 -31.15 -1.26
C LYS A 372 8.27 -30.97 -2.76
N ARG A 373 8.91 -29.87 -3.21
CA ARG A 373 9.17 -29.54 -4.63
C ARG A 373 7.85 -29.45 -5.42
N VAL A 374 6.85 -28.85 -4.78
CA VAL A 374 5.54 -28.67 -5.40
C VAL A 374 4.96 -27.28 -5.15
N PHE A 375 4.19 -26.81 -6.12
CA PHE A 375 3.43 -25.57 -6.01
C PHE A 375 2.16 -25.93 -5.27
N LEU A 376 1.78 -25.12 -4.28
CA LEU A 376 0.56 -25.38 -3.50
C LEU A 376 -0.58 -24.54 -4.06
N GLU A 377 -1.75 -25.09 -4.23
CA GLU A 377 -2.80 -24.31 -4.86
C GLU A 377 -3.90 -23.98 -3.88
N ALA A 378 -4.62 -22.93 -4.17
CA ALA A 378 -5.57 -22.34 -3.22
C ALA A 378 -6.73 -21.66 -3.94
N GLU A 379 -7.97 -21.90 -3.46
CA GLU A 379 -9.19 -21.31 -4.03
C GLU A 379 -9.67 -20.12 -3.19
N SER A 380 -9.04 -19.92 -1.99
CA SER A 380 -9.34 -18.87 -1.00
C SER A 380 -8.10 -18.50 -0.20
N GLU A 381 -8.15 -17.34 0.48
CA GLU A 381 -7.08 -16.86 1.35
C GLU A 381 -6.88 -17.81 2.53
N GLU A 382 -7.99 -18.36 3.06
CA GLU A 382 -8.00 -19.32 4.17
C GLU A 382 -7.10 -20.54 3.84
N GLU A 383 -7.17 -21.03 2.59
CA GLU A 383 -6.34 -22.17 2.13
C GLU A 383 -4.83 -21.82 2.10
N ILE A 384 -4.49 -20.54 1.75
CA ILE A 384 -3.09 -20.08 1.74
C ILE A 384 -2.57 -20.07 3.19
N PHE A 385 -3.34 -19.47 4.13
CA PHE A 385 -2.97 -19.42 5.53
C PHE A 385 -2.75 -20.84 6.05
N ALA A 386 -3.70 -21.78 5.76
CA ALA A 386 -3.60 -23.20 6.18
C ALA A 386 -2.34 -23.88 5.64
N HIS A 387 -1.97 -23.64 4.36
CA HIS A 387 -0.72 -24.19 3.76
C HIS A 387 0.54 -23.72 4.52
N LEU A 388 0.50 -22.47 5.00
CA LEU A 388 1.61 -21.84 5.71
C LEU A 388 1.66 -22.20 7.18
N GLY A 389 0.61 -22.83 7.69
CA GLY A 389 0.52 -23.19 9.09
C GLY A 389 0.22 -22.02 9.97
N LEU A 390 -0.50 -21.01 9.44
CA LEU A 390 -0.88 -19.76 10.13
C LEU A 390 -2.35 -19.70 10.45
N ASP A 391 -2.71 -19.15 11.62
CA ASP A 391 -4.13 -18.96 11.94
C ASP A 391 -4.67 -17.91 11.00
N TYR A 392 -5.92 -18.06 10.54
CA TYR A 392 -6.49 -17.11 9.59
C TYR A 392 -6.64 -15.74 10.21
N ILE A 393 -6.09 -14.73 9.52
CA ILE A 393 -6.16 -13.33 9.94
C ILE A 393 -7.14 -12.67 8.98
N GLU A 394 -8.23 -12.12 9.50
CA GLU A 394 -9.25 -11.45 8.70
C GLU A 394 -8.68 -10.20 8.01
N PRO A 395 -9.23 -9.73 6.86
CA PRO A 395 -8.65 -8.52 6.22
C PRO A 395 -8.55 -7.29 7.11
N TRP A 396 -9.57 -7.03 7.94
CA TRP A 396 -9.56 -5.88 8.88
C TRP A 396 -8.57 -6.05 10.05
N GLU A 397 -7.93 -7.25 10.16
CA GLU A 397 -6.92 -7.56 11.17
C GLU A 397 -5.52 -7.57 10.55
N ARG A 398 -5.38 -7.12 9.29
CA ARG A 398 -4.09 -7.08 8.60
C ARG A 398 -3.53 -5.66 8.49
N ASN A 399 -3.90 -4.80 9.41
CA ASN A 399 -3.48 -3.43 9.36
C ASN A 399 -2.17 -3.20 10.08
N ALA A 400 -1.19 -4.03 9.81
CA ALA A 400 0.06 -4.03 10.52
C ALA A 400 0.97 -2.84 10.28
#